data_6X6Y
#
_entry.id   6X6Y
#
_cell.length_a   175.483
_cell.length_b   175.483
_cell.length_c   124.810
_cell.angle_alpha   90.000
_cell.angle_beta   90.000
_cell.angle_gamma   120.000
#
_symmetry.space_group_name_H-M   'H 3 2'
#
loop_
_entity.id
_entity.type
_entity.pdbx_description
1 polymer 'N-acetyltransferase Eis'
2 non-polymer N-[4-(4-fluorophenyl)-4-oxobutyl]guanidine
3 non-polymer GLYCEROL
4 non-polymer 'DIMETHYL SULFOXIDE'
5 non-polymer DI(HYDROXYETHYL)ETHER
6 non-polymer 'CHLORIDE ION'
7 water water
#
_entity_poly.entity_id   1
_entity_poly.type   'polypeptide(L)'
_entity_poly.pdbx_seq_one_letter_code
;MGSSHHHHHHSSGLVPRGSHMTVTLCSPTEDDWPGMFLLAAASFTDFIGPESATAWRTLVPTDGAVVVRDGAGPGSEVVG
MALYMDLRLTVPGEVVLPTAGLSFVAVAPTHRRRGLLRAMCAELHRRIADSGYPVAALHASEGGIYGRFGYGPATTLHEL
TVDRRFARFHADAPGGGLGGSSVRLVRPTEHRGEFEAIYERWRQQVPGGLLRPQVLWDELLAEAKAAPGGDRESFALLHP
DGYALYRVDRTDLKLARVSELRAVTADAHCALWRALIGLDSMERISIITHPQDPLPHLLTDTRLARTTWRQDGLWLRIMN
VPAALEARGYAHEVGEFSTVLEVSDGGRFALKIGDGRARCTPTDAAAEIEMDRDVLGSLYLGAHRASTLAAANRLRTKDS
QLLRRLDAAFASDVPVQTAFEF
;
_entity_poly.pdbx_strand_id   AAA
#
loop_
_chem_comp.id
_chem_comp.type
_chem_comp.name
_chem_comp.formula
CL non-polymer 'CHLORIDE ION' 'Cl -1'
DMS non-polymer 'DIMETHYL SULFOXIDE' 'C2 H6 O S'
GOL non-polymer GLYCEROL 'C3 H8 O3'
PEG non-polymer DI(HYDROXYETHYL)ETHER 'C4 H10 O3'
USY non-polymer N-[4-(4-fluorophenyl)-4-oxobutyl]guanidine 'C11 H14 F N3 O'
#
# COMPACT_ATOMS: atom_id res chain seq x y z
N VAL A 23 21.89 -25.05 -9.79
CA VAL A 23 20.88 -24.04 -9.31
C VAL A 23 19.52 -24.74 -9.11
N THR A 24 19.27 -25.23 -7.89
CA THR A 24 17.99 -25.83 -7.44
C THR A 24 17.18 -24.78 -6.65
N LEU A 25 15.86 -24.96 -6.60
CA LEU A 25 14.89 -24.05 -5.91
C LEU A 25 14.27 -24.82 -4.74
N CYS A 26 14.45 -24.35 -3.49
CA CYS A 26 14.02 -25.05 -2.24
C CYS A 26 13.45 -24.07 -1.22
N SER A 27 12.68 -24.58 -0.27
CA SER A 27 12.31 -23.86 0.98
C SER A 27 13.56 -23.79 1.84
N PRO A 28 13.89 -22.63 2.43
CA PRO A 28 15.08 -22.51 3.27
C PRO A 28 14.93 -23.20 4.63
N THR A 29 15.99 -23.90 5.07
CA THR A 29 16.17 -24.45 6.44
C THR A 29 16.70 -23.33 7.34
N GLU A 30 16.81 -23.56 8.65
CA GLU A 30 17.31 -22.55 9.62
C GLU A 30 18.73 -22.12 9.24
N ASP A 31 19.52 -22.99 8.59
CA ASP A 31 20.94 -22.75 8.23
C ASP A 31 21.06 -21.79 7.04
N ASP A 32 19.98 -21.60 6.27
CA ASP A 32 20.00 -20.76 5.03
C ASP A 32 19.86 -19.27 5.37
N TRP A 33 19.39 -18.92 6.57
CA TRP A 33 18.99 -17.52 6.86
C TRP A 33 20.19 -16.59 6.96
N PRO A 34 21.34 -16.97 7.58
CA PRO A 34 22.54 -16.13 7.53
C PRO A 34 22.96 -15.80 6.09
N GLY A 35 22.91 -16.77 5.18
CA GLY A 35 23.19 -16.57 3.74
C GLY A 35 22.20 -15.61 3.08
N MET A 36 20.92 -15.67 3.48
CA MET A 36 19.84 -14.79 2.97
C MET A 36 20.07 -13.36 3.47
N PHE A 37 20.47 -13.20 4.73
CA PHE A 37 20.77 -11.88 5.35
C PHE A 37 21.96 -11.22 4.65
N LEU A 38 22.97 -12.00 4.26
CA LEU A 38 24.12 -11.50 3.48
C LEU A 38 23.61 -10.91 2.16
N LEU A 39 22.83 -11.68 1.41
CA LEU A 39 22.25 -11.26 0.10
C LEU A 39 21.42 -9.98 0.27
N ALA A 40 20.62 -9.92 1.35
CA ALA A 40 19.74 -8.77 1.71
C ALA A 40 20.59 -7.52 1.90
N ALA A 41 21.61 -7.61 2.75
CA ALA A 41 22.56 -6.52 3.07
C ALA A 41 23.18 -5.95 1.77
N ALA A 42 23.52 -6.81 0.82
CA ALA A 42 24.23 -6.41 -0.42
C ALA A 42 23.22 -5.97 -1.48
N SER A 43 21.93 -6.21 -1.28
CA SER A 43 20.87 -6.03 -2.30
C SER A 43 20.01 -4.79 -2.00
N PHE A 44 19.73 -4.55 -0.73
CA PHE A 44 18.82 -3.49 -0.22
C PHE A 44 19.61 -2.50 0.64
N THR A 45 19.66 -1.23 0.23
CA THR A 45 20.40 -0.17 0.97
C THR A 45 19.63 0.14 2.27
N ASP A 46 18.32 -0.08 2.30
CA ASP A 46 17.45 0.16 3.49
C ASP A 46 17.32 -1.12 4.33
N PHE A 47 18.09 -2.18 4.06
CA PHE A 47 18.01 -3.45 4.82
C PHE A 47 17.93 -3.13 6.30
N ILE A 48 16.93 -3.70 6.97
CA ILE A 48 16.55 -3.39 8.38
C ILE A 48 17.49 -4.14 9.36
N GLY A 49 18.36 -5.02 8.86
CA GLY A 49 19.31 -5.79 9.68
C GLY A 49 18.70 -7.09 10.21
N PRO A 50 19.53 -8.06 10.65
CA PRO A 50 19.05 -9.38 11.07
C PRO A 50 18.11 -9.47 12.29
N GLU A 51 18.20 -8.54 13.25
CA GLU A 51 17.29 -8.51 14.42
C GLU A 51 15.85 -8.25 13.94
N SER A 52 15.64 -7.12 13.26
CA SER A 52 14.32 -6.70 12.72
C SER A 52 13.80 -7.72 11.71
N ALA A 53 14.68 -8.23 10.83
CA ALA A 53 14.39 -9.26 9.79
C ALA A 53 13.81 -10.51 10.45
N THR A 54 14.35 -10.90 11.61
CA THR A 54 13.96 -12.10 12.39
C THR A 54 12.55 -11.89 12.98
N ALA A 55 12.15 -10.64 13.22
CA ALA A 55 10.81 -10.29 13.73
C ALA A 55 9.78 -10.36 12.59
N TRP A 56 10.03 -9.66 11.49
CA TRP A 56 9.20 -9.67 10.25
C TRP A 56 8.97 -11.11 9.78
N ARG A 57 9.96 -11.97 10.02
CA ARG A 57 9.98 -13.41 9.67
C ARG A 57 8.80 -14.14 10.31
N THR A 58 8.33 -13.69 11.47
CA THR A 58 7.21 -14.32 12.22
C THR A 58 5.91 -14.22 11.39
N LEU A 59 5.84 -13.32 10.41
CA LEU A 59 4.65 -13.12 9.53
C LEU A 59 4.76 -13.97 8.25
N VAL A 60 5.85 -14.74 8.11
CA VAL A 60 6.04 -15.65 6.95
C VAL A 60 5.54 -17.04 7.36
N PRO A 61 4.54 -17.60 6.66
CA PRO A 61 4.06 -18.93 7.00
C PRO A 61 5.08 -20.00 6.59
N THR A 62 4.97 -21.19 7.17
CA THR A 62 5.68 -22.41 6.73
C THR A 62 5.59 -22.47 5.20
N ASP A 63 6.71 -22.62 4.51
CA ASP A 63 6.76 -22.76 3.03
C ASP A 63 6.34 -21.46 2.34
N GLY A 64 6.46 -20.31 3.01
CA GLY A 64 6.23 -18.98 2.42
C GLY A 64 7.46 -18.39 1.75
N ALA A 65 8.63 -19.05 1.86
CA ALA A 65 9.92 -18.56 1.33
C ALA A 65 10.54 -19.58 0.39
N VAL A 66 11.23 -19.09 -0.65
CA VAL A 66 12.09 -19.89 -1.55
C VAL A 66 13.49 -19.26 -1.62
N VAL A 67 14.50 -20.11 -1.78
CA VAL A 67 15.93 -19.73 -1.99
C VAL A 67 16.48 -20.53 -3.17
N VAL A 68 17.38 -19.93 -3.93
CA VAL A 68 18.21 -20.62 -4.95
C VAL A 68 19.64 -20.68 -4.42
N ARG A 69 20.18 -21.88 -4.25
CA ARG A 69 21.59 -22.13 -3.86
C ARG A 69 22.38 -22.51 -5.11
N ASP A 70 23.71 -22.31 -5.09
CA ASP A 70 24.65 -22.74 -6.15
C ASP A 70 25.41 -23.98 -5.66
N GLY A 71 25.18 -25.13 -6.30
N SER A 76 27.43 -24.32 -0.69
CA SER A 76 26.38 -23.66 -1.50
C SER A 76 25.88 -22.38 -0.80
N GLU A 77 26.22 -21.21 -1.36
CA GLU A 77 25.72 -19.88 -0.90
C GLU A 77 24.37 -19.56 -1.55
N VAL A 78 23.64 -18.61 -0.95
CA VAL A 78 22.29 -18.17 -1.39
C VAL A 78 22.50 -17.11 -2.49
N VAL A 79 22.03 -17.39 -3.70
CA VAL A 79 22.19 -16.52 -4.90
C VAL A 79 20.82 -15.96 -5.33
N GLY A 80 19.75 -16.33 -4.62
CA GLY A 80 18.36 -16.00 -4.98
C GLY A 80 17.42 -16.27 -3.83
N MET A 81 16.48 -15.38 -3.56
CA MET A 81 15.46 -15.59 -2.50
C MET A 81 14.23 -14.75 -2.79
N ALA A 82 13.10 -15.17 -2.23
CA ALA A 82 11.79 -14.49 -2.29
C ALA A 82 10.88 -15.12 -1.24
N LEU A 83 9.95 -14.36 -0.69
CA LEU A 83 8.98 -14.88 0.29
C LEU A 83 7.70 -14.06 0.26
N TYR A 84 6.64 -14.57 0.88
CA TYR A 84 5.37 -13.83 1.07
C TYR A 84 5.04 -13.85 2.57
N MET A 85 4.35 -12.80 3.01
CA MET A 85 3.84 -12.68 4.40
C MET A 85 2.31 -12.78 4.36
N ASP A 86 1.72 -13.29 5.44
CA ASP A 86 0.24 -13.33 5.63
C ASP A 86 -0.23 -11.94 6.03
N LEU A 87 -0.94 -11.24 5.15
CA LEU A 87 -1.47 -9.87 5.39
C LEU A 87 -3.01 -9.88 5.31
N ARG A 88 -3.63 -8.85 5.87
CA ARG A 88 -5.09 -8.59 5.76
C ARG A 88 -5.28 -7.22 5.13
N LEU A 89 -5.80 -7.19 3.91
CA LEU A 89 -5.95 -5.96 3.10
C LEU A 89 -7.42 -5.57 3.02
N THR A 90 -7.74 -4.35 3.46
CA THR A 90 -9.07 -3.72 3.33
C THR A 90 -9.26 -3.29 1.87
N VAL A 91 -10.40 -3.66 1.28
CA VAL A 91 -10.79 -3.29 -0.11
C VAL A 91 -12.11 -2.53 -0.03
N PRO A 92 -12.52 -1.81 -1.11
CA PRO A 92 -13.76 -1.02 -1.08
C PRO A 92 -14.98 -1.80 -0.58
N GLY A 93 -15.82 -1.16 0.24
CA GLY A 93 -16.92 -1.79 0.98
C GLY A 93 -16.48 -2.33 2.33
N GLU A 94 -15.31 -1.91 2.82
CA GLU A 94 -14.76 -2.30 4.15
C GLU A 94 -14.66 -3.83 4.25
N VAL A 95 -14.31 -4.50 3.14
CA VAL A 95 -14.09 -5.97 3.10
C VAL A 95 -12.59 -6.22 3.30
N VAL A 96 -12.24 -7.14 4.21
CA VAL A 96 -10.83 -7.52 4.49
C VAL A 96 -10.53 -8.84 3.76
N LEU A 97 -9.50 -8.84 2.89
CA LEU A 97 -9.03 -10.03 2.13
C LEU A 97 -7.75 -10.59 2.73
N PRO A 98 -7.62 -11.93 2.86
CA PRO A 98 -6.32 -12.55 3.06
C PRO A 98 -5.48 -12.17 1.82
N THR A 99 -4.26 -11.73 2.05
CA THR A 99 -3.36 -11.19 1.00
C THR A 99 -1.96 -11.77 1.22
N ALA A 100 -1.36 -12.34 0.19
CA ALA A 100 0.08 -12.74 0.17
C ALA A 100 0.92 -11.50 -0.14
N GLY A 101 1.71 -11.05 0.84
CA GLY A 101 2.58 -9.85 0.71
C GLY A 101 4.02 -10.23 0.36
N LEU A 102 4.39 -10.11 -0.92
CA LEU A 102 5.75 -10.43 -1.44
C LEU A 102 6.75 -9.41 -0.90
N SER A 103 7.95 -9.88 -0.56
CA SER A 103 9.01 -9.09 0.10
C SER A 103 10.33 -9.89 0.08
N PHE A 104 11.44 -9.23 0.37
CA PHE A 104 12.77 -9.86 0.54
C PHE A 104 13.15 -10.62 -0.74
N VAL A 105 12.78 -10.06 -1.91
CA VAL A 105 13.04 -10.66 -3.26
C VAL A 105 14.39 -10.13 -3.76
N ALA A 106 15.32 -11.01 -4.09
CA ALA A 106 16.72 -10.65 -4.41
C ALA A 106 17.40 -11.76 -5.21
N VAL A 107 18.15 -11.34 -6.23
CA VAL A 107 19.06 -12.20 -7.02
C VAL A 107 20.46 -11.63 -6.86
N ALA A 108 21.44 -12.47 -6.51
CA ALA A 108 22.85 -12.07 -6.33
C ALA A 108 23.35 -11.40 -7.60
N PRO A 109 24.22 -10.37 -7.48
CA PRO A 109 24.74 -9.65 -8.64
C PRO A 109 25.53 -10.57 -9.60
N THR A 110 25.96 -11.72 -9.07
CA THR A 110 26.75 -12.76 -9.77
C THR A 110 25.87 -13.69 -10.62
N HIS A 111 24.54 -13.60 -10.52
CA HIS A 111 23.59 -14.56 -11.15
C HIS A 111 22.43 -13.83 -11.85
N ARG A 112 22.65 -12.58 -12.29
CA ARG A 112 21.67 -11.78 -13.07
C ARG A 112 21.36 -12.49 -14.40
N ARG A 113 20.30 -12.03 -15.07
CA ARG A 113 19.84 -12.49 -16.42
C ARG A 113 20.05 -14.01 -16.56
N ARG A 114 19.63 -14.78 -15.55
CA ARG A 114 19.74 -16.26 -15.54
C ARG A 114 18.37 -16.90 -15.29
N GLY A 115 17.29 -16.10 -15.30
CA GLY A 115 15.90 -16.56 -15.12
C GLY A 115 15.56 -17.01 -13.71
N LEU A 116 16.34 -16.59 -12.69
CA LEU A 116 16.14 -16.97 -11.27
C LEU A 116 14.90 -16.28 -10.69
N LEU A 117 14.65 -15.03 -11.08
CA LEU A 117 13.45 -14.27 -10.62
C LEU A 117 12.19 -14.95 -11.18
N ARG A 118 12.14 -15.14 -12.50
CA ARG A 118 11.03 -15.82 -13.22
C ARG A 118 10.70 -17.14 -12.53
N ALA A 119 11.72 -17.93 -12.17
CA ALA A 119 11.58 -19.24 -11.50
C ALA A 119 10.97 -19.06 -10.10
N MET A 120 11.54 -18.16 -9.30
CA MET A 120 11.12 -17.94 -7.89
C MET A 120 9.69 -17.38 -7.83
N CYS A 121 9.36 -16.41 -8.69
CA CYS A 121 8.02 -15.77 -8.76
C CYS A 121 6.96 -16.83 -9.14
N ALA A 122 7.29 -17.74 -10.05
CA ALA A 122 6.40 -18.81 -10.55
C ALA A 122 6.06 -19.80 -9.42
N GLU A 123 7.06 -20.19 -8.63
CA GLU A 123 6.90 -21.15 -7.51
C GLU A 123 6.07 -20.52 -6.40
N LEU A 124 6.33 -19.25 -6.05
CA LEU A 124 5.58 -18.56 -4.97
C LEU A 124 4.12 -18.38 -5.39
N HIS A 125 3.87 -18.02 -6.66
CA HIS A 125 2.50 -17.81 -7.18
C HIS A 125 1.71 -19.13 -7.17
N ARG A 126 2.36 -20.23 -7.52
CA ARG A 126 1.80 -21.61 -7.42
C ARG A 126 1.37 -21.83 -5.96
N ARG A 127 2.27 -21.58 -5.00
CA ARG A 127 2.05 -21.82 -3.54
C ARG A 127 0.94 -20.92 -3.01
N ILE A 128 0.94 -19.64 -3.41
CA ILE A 128 -0.05 -18.62 -2.97
C ILE A 128 -1.43 -19.03 -3.46
N ALA A 129 -1.55 -19.33 -4.76
CA ALA A 129 -2.77 -19.84 -5.44
C ALA A 129 -3.31 -21.09 -4.72
N ASP A 130 -2.46 -22.11 -4.50
CA ASP A 130 -2.86 -23.42 -3.91
C ASP A 130 -3.28 -23.24 -2.44
N SER A 131 -2.76 -22.21 -1.77
CA SER A 131 -3.06 -21.88 -0.35
C SER A 131 -4.41 -21.17 -0.22
N GLY A 132 -4.94 -20.61 -1.31
CA GLY A 132 -6.29 -20.00 -1.37
C GLY A 132 -6.30 -18.49 -1.14
N TYR A 133 -5.21 -17.78 -1.44
CA TYR A 133 -5.17 -16.28 -1.39
C TYR A 133 -5.83 -15.75 -2.65
N PRO A 134 -6.86 -14.87 -2.53
CA PRO A 134 -7.45 -14.23 -3.71
C PRO A 134 -6.55 -13.18 -4.38
N VAL A 135 -5.67 -12.51 -3.62
CA VAL A 135 -4.76 -11.47 -4.16
C VAL A 135 -3.37 -11.60 -3.52
N ALA A 136 -2.36 -11.19 -4.29
CA ALA A 136 -0.98 -10.95 -3.84
C ALA A 136 -0.70 -9.45 -3.96
N ALA A 137 0.25 -8.94 -3.18
CA ALA A 137 0.65 -7.52 -3.18
C ALA A 137 2.14 -7.37 -2.88
N LEU A 138 2.73 -6.27 -3.37
CA LEU A 138 4.12 -5.88 -3.06
C LEU A 138 4.30 -4.36 -3.21
N HIS A 139 5.42 -3.86 -2.67
CA HIS A 139 6.03 -2.54 -2.96
C HIS A 139 7.21 -2.76 -3.91
N ALA A 140 7.21 -2.08 -5.06
CA ALA A 140 8.18 -2.26 -6.18
C ALA A 140 9.41 -1.38 -6.00
N SER A 141 10.61 -1.95 -6.19
CA SER A 141 11.91 -1.23 -6.11
C SER A 141 12.17 -0.48 -7.42
N GLU A 142 11.72 -1.04 -8.55
CA GLU A 142 11.65 -0.34 -9.86
C GLU A 142 10.26 -0.57 -10.45
N GLY A 143 9.72 0.43 -11.16
CA GLY A 143 8.37 0.39 -11.72
C GLY A 143 8.27 -0.46 -12.99
N GLY A 144 9.36 -1.12 -13.38
CA GLY A 144 9.47 -1.83 -14.68
C GLY A 144 9.56 -3.35 -14.55
N ILE A 145 9.70 -3.86 -13.34
CA ILE A 145 10.02 -5.31 -13.08
C ILE A 145 8.73 -6.14 -12.99
N TYR A 146 7.59 -5.57 -12.57
CA TYR A 146 6.51 -6.35 -11.90
C TYR A 146 5.24 -6.46 -12.77
N GLY A 147 5.02 -5.54 -13.71
CA GLY A 147 3.95 -5.64 -14.73
C GLY A 147 3.92 -7.00 -15.42
N ARG A 148 5.08 -7.57 -15.77
CA ARG A 148 5.15 -8.81 -16.60
C ARG A 148 4.74 -10.04 -15.77
N PHE A 149 4.73 -9.96 -14.44
CA PHE A 149 4.25 -11.06 -13.55
C PHE A 149 2.81 -10.83 -13.09
N GLY A 150 2.08 -9.88 -13.67
CA GLY A 150 0.64 -9.64 -13.40
C GLY A 150 0.37 -8.64 -12.29
N TYR A 151 1.38 -7.94 -11.76
CA TYR A 151 1.21 -6.87 -10.73
C TYR A 151 0.99 -5.51 -11.41
N GLY A 152 -0.06 -4.81 -10.96
CA GLY A 152 -0.36 -3.44 -11.41
C GLY A 152 -0.35 -2.49 -10.23
N PRO A 153 0.15 -1.24 -10.39
CA PRO A 153 0.11 -0.25 -9.31
C PRO A 153 -1.33 0.12 -8.93
N ALA A 154 -1.67 0.01 -7.63
CA ALA A 154 -3.07 0.03 -7.12
C ALA A 154 -3.32 1.22 -6.20
N THR A 155 -2.27 1.83 -5.62
CA THR A 155 -2.36 3.05 -4.78
C THR A 155 -1.29 4.04 -5.22
N THR A 156 -1.52 5.34 -5.00
CA THR A 156 -0.61 6.44 -5.39
C THR A 156 -0.16 7.20 -4.16
N LEU A 157 1.15 7.41 -4.04
CA LEU A 157 1.80 8.20 -2.96
C LEU A 157 1.98 9.63 -3.44
N HIS A 158 1.45 10.58 -2.67
CA HIS A 158 1.65 12.05 -2.80
C HIS A 158 2.52 12.53 -1.65
N GLU A 159 3.67 13.13 -1.93
CA GLU A 159 4.36 13.98 -0.93
C GLU A 159 3.80 15.39 -1.04
N LEU A 160 3.25 15.92 0.06
CA LEU A 160 2.93 17.35 0.24
C LEU A 160 3.97 17.96 1.17
N THR A 161 4.55 19.10 0.77
CA THR A 161 5.42 19.94 1.61
C THR A 161 4.69 21.26 1.85
N VAL A 162 4.41 21.60 3.11
CA VAL A 162 3.77 22.88 3.52
C VAL A 162 4.86 23.84 3.99
N ASP A 163 4.96 25.03 3.38
CA ASP A 163 5.73 26.15 3.98
C ASP A 163 4.85 26.74 5.08
N ARG A 164 5.08 26.31 6.33
CA ARG A 164 4.17 26.55 7.48
C ARG A 164 4.24 28.00 7.96
N ARG A 165 5.18 28.80 7.47
CA ARG A 165 5.30 30.22 7.88
C ARG A 165 4.15 31.05 7.28
N PHE A 166 3.62 30.65 6.12
CA PHE A 166 2.50 31.35 5.45
C PHE A 166 1.15 30.68 5.72
N ALA A 167 1.13 29.53 6.40
CA ALA A 167 -0.08 28.68 6.56
C ALA A 167 -1.06 29.36 7.52
N ARG A 168 -2.19 29.80 6.98
CA ARG A 168 -3.37 30.30 7.74
C ARG A 168 -4.54 29.35 7.43
N PHE A 169 -5.28 28.93 8.46
CA PHE A 169 -6.47 28.05 8.29
C PHE A 169 -7.65 28.88 7.81
N HIS A 170 -8.51 28.26 7.01
CA HIS A 170 -9.74 28.83 6.42
C HIS A 170 -10.77 29.02 7.53
N ALA A 171 -11.69 29.99 7.39
CA ALA A 171 -12.77 30.28 8.34
C ALA A 171 -13.60 29.00 8.55
N ASP A 172 -13.83 28.24 7.46
CA ASP A 172 -14.68 27.02 7.42
C ASP A 172 -13.99 25.80 8.05
N ALA A 173 -12.68 25.84 8.28
CA ALA A 173 -11.90 24.70 8.81
C ALA A 173 -12.37 24.36 10.22
N PRO A 174 -12.60 23.06 10.55
CA PRO A 174 -13.00 22.66 11.90
C PRO A 174 -11.95 23.02 12.98
N GLY A 175 -12.43 23.37 14.18
CA GLY A 175 -11.59 23.74 15.34
C GLY A 175 -11.20 25.21 15.33
N GLY A 176 -12.09 26.08 14.83
CA GLY A 176 -11.90 27.54 14.71
C GLY A 176 -11.57 28.20 16.04
N GLY A 177 -12.13 27.67 17.14
N GLY A 180 -9.84 25.29 24.29
CA GLY A 180 -8.85 24.22 24.60
C GLY A 180 -8.51 23.41 23.36
N SER A 181 -7.24 22.97 23.24
CA SER A 181 -6.78 22.00 22.23
C SER A 181 -6.98 20.58 22.77
N SER A 182 -7.49 19.69 21.91
CA SER A 182 -7.75 18.26 22.21
C SER A 182 -6.50 17.42 21.90
N VAL A 183 -5.50 18.03 21.23
CA VAL A 183 -4.24 17.35 20.78
C VAL A 183 -3.17 17.50 21.87
N ARG A 184 -2.43 16.42 22.14
CA ARG A 184 -1.31 16.39 23.12
C ARG A 184 -0.01 16.04 22.39
N LEU A 185 1.09 16.72 22.73
CA LEU A 185 2.46 16.32 22.34
C LEU A 185 2.93 15.24 23.32
N VAL A 186 3.30 14.05 22.84
CA VAL A 186 3.64 12.90 23.72
C VAL A 186 4.83 12.12 23.16
N ARG A 187 5.44 11.31 24.04
CA ARG A 187 6.45 10.28 23.68
C ARG A 187 5.71 9.09 23.10
N PRO A 188 6.01 8.67 21.84
CA PRO A 188 5.36 7.52 21.23
C PRO A 188 5.25 6.24 22.09
N THR A 189 6.31 5.85 22.80
CA THR A 189 6.40 4.55 23.53
C THR A 189 5.49 4.54 24.76
N GLU A 190 5.02 5.70 25.23
CA GLU A 190 4.20 5.81 26.47
C GLU A 190 2.71 5.71 26.15
N HIS A 191 2.33 5.67 24.86
CA HIS A 191 0.91 5.69 24.40
C HIS A 191 0.71 4.70 23.24
N ARG A 192 1.24 3.49 23.37
CA ARG A 192 1.19 2.44 22.33
C ARG A 192 -0.26 2.00 22.10
N GLY A 193 -0.97 1.66 23.17
CA GLY A 193 -2.38 1.21 23.16
C GLY A 193 -3.28 2.16 22.39
N GLU A 194 -3.11 3.47 22.57
CA GLU A 194 -3.94 4.51 21.92
C GLU A 194 -3.66 4.51 20.41
N PHE A 195 -2.40 4.37 19.99
CA PHE A 195 -2.01 4.35 18.56
C PHE A 195 -2.59 3.09 17.91
N GLU A 196 -2.42 1.94 18.58
CA GLU A 196 -2.96 0.62 18.15
C GLU A 196 -4.47 0.75 17.89
N ALA A 197 -5.22 1.23 18.88
CA ALA A 197 -6.70 1.40 18.83
C ALA A 197 -7.09 2.30 17.65
N ILE A 198 -6.40 3.43 17.47
CA ILE A 198 -6.75 4.41 16.40
C ILE A 198 -6.42 3.76 15.05
N TYR A 199 -5.23 3.17 14.91
CA TYR A 199 -4.79 2.55 13.63
C TYR A 199 -5.79 1.45 13.27
N GLU A 200 -6.18 0.61 14.24
CA GLU A 200 -7.09 -0.54 14.04
C GLU A 200 -8.43 -0.03 13.46
N ARG A 201 -8.96 1.07 14.00
CA ARG A 201 -10.17 1.74 13.46
C ARG A 201 -9.93 2.22 12.03
N TRP A 202 -8.76 2.80 11.78
CA TRP A 202 -8.39 3.42 10.48
C TRP A 202 -8.33 2.34 9.39
N ARG A 203 -7.61 1.25 9.65
CA ARG A 203 -7.27 0.23 8.63
C ARG A 203 -8.54 -0.53 8.22
N GLN A 204 -9.54 -0.63 9.11
CA GLN A 204 -10.79 -1.39 8.86
C GLN A 204 -11.73 -0.63 7.93
N GLN A 205 -11.58 0.69 7.78
CA GLN A 205 -12.57 1.48 7.01
C GLN A 205 -11.95 2.17 5.78
N VAL A 206 -10.70 1.85 5.44
CA VAL A 206 -9.92 2.55 4.37
C VAL A 206 -9.38 1.52 3.38
N PRO A 207 -9.76 1.59 2.09
CA PRO A 207 -9.14 0.74 1.07
C PRO A 207 -7.62 1.00 0.98
N GLY A 208 -6.84 -0.07 1.07
CA GLY A 208 -5.36 -0.02 1.18
C GLY A 208 -4.91 -0.34 2.59
N GLY A 209 -5.81 -0.27 3.57
CA GLY A 209 -5.52 -0.58 4.98
C GLY A 209 -4.97 -1.98 5.15
N LEU A 210 -3.95 -2.14 6.00
CA LEU A 210 -3.38 -3.45 6.40
C LEU A 210 -3.47 -3.56 7.92
N LEU A 211 -3.86 -4.73 8.41
CA LEU A 211 -3.69 -5.11 9.83
C LEU A 211 -2.20 -4.94 10.15
N ARG A 212 -1.86 -4.23 11.23
CA ARG A 212 -0.48 -4.14 11.75
C ARG A 212 -0.38 -5.06 12.96
N PRO A 213 0.25 -6.25 12.84
CA PRO A 213 0.39 -7.16 13.98
C PRO A 213 1.37 -6.60 15.03
N GLN A 214 1.45 -7.27 16.20
CA GLN A 214 2.17 -6.77 17.39
C GLN A 214 3.67 -6.63 17.07
N VAL A 215 4.28 -7.55 16.31
CA VAL A 215 5.75 -7.48 16.01
C VAL A 215 6.06 -6.15 15.30
N LEU A 216 5.14 -5.64 14.48
CA LEU A 216 5.39 -4.43 13.64
C LEU A 216 5.20 -3.15 14.48
N TRP A 217 4.37 -3.21 15.53
CA TRP A 217 4.28 -2.15 16.58
C TRP A 217 5.56 -2.16 17.42
N ASP A 218 6.08 -3.34 17.76
CA ASP A 218 7.40 -3.48 18.44
C ASP A 218 8.47 -2.76 17.61
N GLU A 219 8.49 -3.04 16.30
CA GLU A 219 9.49 -2.48 15.36
C GLU A 219 9.26 -0.98 15.20
N LEU A 220 8.01 -0.54 15.00
CA LEU A 220 7.70 0.90 14.74
C LEU A 220 8.17 1.76 15.91
N LEU A 221 7.98 1.31 17.15
CA LEU A 221 8.25 2.12 18.36
C LEU A 221 9.73 2.03 18.77
N ALA A 222 10.51 1.17 18.12
CA ALA A 222 11.99 1.08 18.28
C ALA A 222 12.67 2.08 17.33
N GLU A 223 12.04 2.34 16.17
CA GLU A 223 12.49 3.37 15.20
C GLU A 223 12.16 4.78 15.72
N ALA A 224 11.44 4.90 16.84
CA ALA A 224 11.00 6.18 17.44
C ALA A 224 12.11 6.80 18.29
N LYS A 225 13.05 5.98 18.78
CA LYS A 225 14.20 6.46 19.59
C LYS A 225 15.25 7.05 18.64
N ALA A 226 16.04 8.02 19.12
CA ALA A 226 17.14 8.66 18.38
C ALA A 226 18.29 7.65 18.21
N ALA A 227 18.99 7.73 17.07
CA ALA A 227 20.18 6.91 16.73
C ALA A 227 21.41 7.81 16.70
N PRO A 228 22.48 7.49 17.47
CA PRO A 228 23.73 8.27 17.39
C PRO A 228 24.29 8.28 15.96
N GLY A 229 24.32 9.46 15.33
CA GLY A 229 24.77 9.67 13.94
C GLY A 229 23.70 9.31 12.92
N GLY A 230 22.50 8.94 13.39
CA GLY A 230 21.36 8.55 12.55
C GLY A 230 20.18 9.50 12.72
N ASP A 231 18.96 8.95 12.69
CA ASP A 231 17.68 9.70 12.80
C ASP A 231 17.56 10.33 14.19
N ARG A 232 16.83 11.45 14.27
CA ARG A 232 16.55 12.21 15.52
C ARG A 232 15.36 11.55 16.23
N GLU A 233 15.08 11.94 17.48
CA GLU A 233 13.95 11.42 18.28
C GLU A 233 12.63 11.71 17.56
N SER A 234 11.71 10.74 17.54
CA SER A 234 10.32 10.89 17.02
C SER A 234 9.43 11.43 18.13
N PHE A 235 8.52 12.33 17.77
CA PHE A 235 7.47 12.84 18.68
C PHE A 235 6.10 12.45 18.12
N ALA A 236 5.09 12.50 18.96
CA ALA A 236 3.70 12.13 18.63
C ALA A 236 2.76 13.28 19.00
N LEU A 237 1.80 13.56 18.12
CA LEU A 237 0.62 14.39 18.40
C LEU A 237 -0.59 13.46 18.48
N LEU A 238 -1.23 13.39 19.65
CA LEU A 238 -2.30 12.42 19.99
C LEU A 238 -3.62 13.17 20.20
N HIS A 239 -4.63 12.80 19.43
CA HIS A 239 -6.05 13.21 19.55
C HIS A 239 -6.85 11.96 19.87
N PRO A 240 -8.05 12.05 20.51
CA PRO A 240 -8.91 10.88 20.69
C PRO A 240 -9.19 10.05 19.40
N ASP A 241 -9.14 10.67 18.23
CA ASP A 241 -9.56 10.04 16.94
C ASP A 241 -8.45 10.18 15.89
N GLY A 242 -7.19 10.33 16.30
CA GLY A 242 -6.05 10.39 15.36
C GLY A 242 -4.71 10.61 16.05
N TYR A 243 -3.62 10.27 15.36
CA TYR A 243 -2.25 10.63 15.77
C TYR A 243 -1.42 10.99 14.54
N ALA A 244 -0.31 11.70 14.78
CA ALA A 244 0.80 11.93 13.83
C ALA A 244 2.11 11.59 14.56
N LEU A 245 2.94 10.74 13.98
CA LEU A 245 4.36 10.58 14.37
C LEU A 245 5.19 11.43 13.42
N TYR A 246 6.10 12.25 13.95
CA TYR A 246 6.99 13.11 13.14
C TYR A 246 8.38 13.15 13.79
N ARG A 247 9.37 13.53 12.99
CA ARG A 247 10.76 13.80 13.44
C ARG A 247 11.33 14.90 12.55
N VAL A 248 12.27 15.68 13.09
CA VAL A 248 13.10 16.62 12.29
C VAL A 248 14.07 15.80 11.44
N ASP A 249 14.24 16.19 10.17
CA ASP A 249 15.18 15.56 9.21
C ASP A 249 16.63 15.65 9.73
N ARG A 250 17.44 14.62 9.45
CA ARG A 250 18.86 14.50 9.88
C ARG A 250 19.65 15.77 9.53
N THR A 251 19.53 16.23 8.28
CA THR A 251 20.46 17.20 7.65
C THR A 251 19.76 18.56 7.48
N ASP A 252 18.47 18.58 7.10
CA ASP A 252 17.66 19.83 7.01
C ASP A 252 16.94 20.02 8.34
N LEU A 253 17.42 20.93 9.18
CA LEU A 253 16.93 21.10 10.57
C LEU A 253 15.73 22.06 10.62
N LYS A 254 15.28 22.55 9.45
CA LYS A 254 14.06 23.39 9.33
C LYS A 254 12.92 22.60 8.67
N LEU A 255 13.06 21.28 8.55
CA LEU A 255 12.04 20.38 7.95
C LEU A 255 11.61 19.30 8.96
N ALA A 256 10.32 19.21 9.23
CA ALA A 256 9.72 18.09 10.00
C ALA A 256 9.11 17.09 9.02
N ARG A 257 9.48 15.82 9.15
CA ARG A 257 8.95 14.71 8.32
C ARG A 257 7.88 14.00 9.12
N VAL A 258 6.61 14.10 8.68
CA VAL A 258 5.49 13.30 9.26
C VAL A 258 5.60 11.90 8.66
N SER A 259 6.00 10.91 9.46
CA SER A 259 6.21 9.52 9.00
C SER A 259 4.84 8.86 8.81
N GLU A 260 3.84 9.26 9.60
CA GLU A 260 2.52 8.59 9.71
C GLU A 260 1.48 9.54 10.33
N LEU A 261 0.38 9.82 9.62
CA LEU A 261 -0.80 10.51 10.19
C LEU A 261 -2.05 9.67 9.92
N ARG A 262 -2.62 9.09 10.99
CA ARG A 262 -3.89 8.31 10.97
C ARG A 262 -4.98 9.11 11.67
N ALA A 263 -6.01 9.50 10.94
CA ALA A 263 -7.16 10.27 11.46
C ALA A 263 -8.46 9.58 11.01
N VAL A 264 -9.36 9.38 11.95
CA VAL A 264 -10.63 8.62 11.78
C VAL A 264 -11.81 9.60 11.65
N THR A 265 -11.60 10.90 11.91
CA THR A 265 -12.62 11.97 11.71
C THR A 265 -11.94 13.21 11.11
N ALA A 266 -12.71 14.06 10.45
CA ALA A 266 -12.22 15.32 9.83
C ALA A 266 -11.69 16.25 10.93
N ASP A 267 -12.38 16.28 12.08
CA ASP A 267 -11.98 17.07 13.27
C ASP A 267 -10.56 16.67 13.67
N ALA A 268 -10.31 15.36 13.82
CA ALA A 268 -9.01 14.80 14.23
C ALA A 268 -7.92 15.25 13.23
N HIS A 269 -8.22 15.14 11.94
CA HIS A 269 -7.29 15.48 10.82
C HIS A 269 -6.91 16.95 10.93
N CYS A 270 -7.91 17.84 11.04
CA CYS A 270 -7.68 19.31 11.10
C CYS A 270 -6.88 19.66 12.37
N ALA A 271 -7.29 19.14 13.53
CA ALA A 271 -6.68 19.41 14.84
C ALA A 271 -5.19 19.05 14.79
N LEU A 272 -4.89 17.87 14.25
CA LEU A 272 -3.48 17.39 14.14
C LEU A 272 -2.70 18.37 13.25
N TRP A 273 -3.30 18.88 12.18
CA TRP A 273 -2.62 19.81 11.23
C TRP A 273 -2.46 21.21 11.85
N ARG A 274 -3.41 21.66 12.65
CA ARG A 274 -3.25 22.89 13.47
C ARG A 274 -1.98 22.76 14.33
N ALA A 275 -1.80 21.62 15.00
CA ALA A 275 -0.63 21.35 15.86
C ALA A 275 0.67 21.33 15.04
N LEU A 276 0.68 20.69 13.86
CA LEU A 276 1.89 20.56 13.00
C LEU A 276 2.32 21.93 12.46
N ILE A 277 1.38 22.75 11.97
CA ILE A 277 1.63 24.16 11.54
C ILE A 277 2.13 24.99 12.73
N GLY A 278 1.86 24.55 13.97
CA GLY A 278 2.34 25.21 15.21
C GLY A 278 3.79 24.88 15.57
N LEU A 279 4.51 24.05 14.80
CA LEU A 279 5.95 23.77 15.04
C LEU A 279 6.78 24.96 14.53
N ASP A 280 6.89 26.01 15.35
CA ASP A 280 7.36 27.37 14.94
C ASP A 280 8.86 27.37 14.65
N SER A 281 9.61 26.38 15.14
CA SER A 281 11.05 26.21 14.82
C SER A 281 11.25 25.65 13.40
N MET A 282 10.18 25.19 12.74
CA MET A 282 10.27 24.57 11.38
C MET A 282 9.84 25.58 10.32
N GLU A 283 10.47 25.53 9.15
CA GLU A 283 10.06 26.24 7.91
C GLU A 283 9.02 25.41 7.15
N ARG A 284 9.24 24.09 7.10
CA ARG A 284 8.49 23.15 6.21
C ARG A 284 8.06 21.91 7.00
N ILE A 285 6.83 21.45 6.75
CA ILE A 285 6.28 20.12 7.15
C ILE A 285 6.06 19.32 5.86
N SER A 286 6.61 18.10 5.79
CA SER A 286 6.42 17.17 4.66
C SER A 286 5.72 15.89 5.15
N ILE A 287 4.83 15.35 4.32
CA ILE A 287 4.12 14.07 4.61
C ILE A 287 3.99 13.30 3.29
N ILE A 288 4.07 11.97 3.37
CA ILE A 288 3.67 11.08 2.25
C ILE A 288 2.24 10.64 2.53
N THR A 289 1.32 11.07 1.65
CA THR A 289 -0.16 10.93 1.80
C THR A 289 -0.72 10.46 0.46
N HIS A 290 -2.00 10.71 0.20
CA HIS A 290 -2.75 10.22 -0.98
C HIS A 290 -3.24 11.43 -1.76
N PRO A 291 -3.57 11.29 -3.08
CA PRO A 291 -3.98 12.43 -3.90
C PRO A 291 -5.22 13.18 -3.40
N GLN A 292 -6.06 12.53 -2.59
CA GLN A 292 -7.35 13.11 -2.10
C GLN A 292 -7.21 13.64 -0.67
N ASP A 293 -5.98 13.77 -0.13
CA ASP A 293 -5.76 14.41 1.20
C ASP A 293 -6.41 15.78 1.17
N PRO A 294 -7.31 16.09 2.12
CA PRO A 294 -8.01 17.39 2.14
C PRO A 294 -7.20 18.58 2.68
N LEU A 295 -5.95 18.39 3.10
CA LEU A 295 -5.09 19.43 3.71
C LEU A 295 -5.09 20.71 2.88
N PRO A 296 -4.91 20.68 1.55
CA PRO A 296 -4.86 21.93 0.77
C PRO A 296 -6.09 22.82 0.97
N HIS A 297 -7.25 22.21 1.25
CA HIS A 297 -8.57 22.90 1.33
C HIS A 297 -8.79 23.47 2.74
N LEU A 298 -7.99 23.05 3.73
CA LEU A 298 -8.02 23.58 5.11
C LEU A 298 -7.33 24.95 5.19
N LEU A 299 -6.53 25.30 4.17
CA LEU A 299 -5.71 26.55 4.17
C LEU A 299 -6.40 27.61 3.31
N THR A 300 -6.14 28.88 3.60
CA THR A 300 -6.63 30.04 2.81
C THR A 300 -5.91 30.06 1.45
N ASP A 301 -4.73 29.44 1.35
CA ASP A 301 -3.94 29.34 0.10
C ASP A 301 -3.65 27.85 -0.19
N THR A 302 -4.43 27.24 -1.08
CA THR A 302 -4.29 25.81 -1.48
C THR A 302 -2.85 25.52 -1.95
N ARG A 303 -2.16 26.52 -2.50
CA ARG A 303 -0.86 26.36 -3.20
C ARG A 303 0.29 26.12 -2.19
N LEU A 304 0.11 26.51 -0.92
CA LEU A 304 1.11 26.34 0.15
C LEU A 304 1.44 24.86 0.36
N ALA A 305 0.47 23.98 0.14
CA ALA A 305 0.62 22.51 0.22
C ALA A 305 1.09 22.00 -1.15
N ARG A 306 2.36 22.21 -1.47
CA ARG A 306 2.98 21.83 -2.77
C ARG A 306 3.13 20.31 -2.83
N THR A 307 2.79 19.72 -3.99
CA THR A 307 3.07 18.30 -4.29
C THR A 307 4.50 18.24 -4.82
N THR A 308 5.41 17.70 -4.02
CA THR A 308 6.87 17.66 -4.27
C THR A 308 7.31 16.31 -4.83
N TRP A 309 6.46 15.28 -4.81
CA TRP A 309 6.82 13.88 -5.19
C TRP A 309 5.56 13.05 -5.39
N ARG A 310 5.56 12.17 -6.39
CA ARG A 310 4.41 11.30 -6.72
C ARG A 310 4.95 9.97 -7.23
N GLN A 311 4.43 8.86 -6.71
CA GLN A 311 4.92 7.51 -7.05
C GLN A 311 3.84 6.47 -6.73
N ASP A 312 3.89 5.35 -7.45
CA ASP A 312 3.12 4.11 -7.20
C ASP A 312 3.39 3.64 -5.76
N GLY A 313 2.34 3.25 -5.04
CA GLY A 313 2.44 2.66 -3.68
C GLY A 313 2.36 1.14 -3.73
N LEU A 314 1.21 0.59 -3.33
CA LEU A 314 0.96 -0.87 -3.29
C LEU A 314 0.67 -1.36 -4.72
N TRP A 315 1.24 -2.51 -5.10
CA TRP A 315 0.94 -3.24 -6.36
C TRP A 315 0.13 -4.49 -6.04
N LEU A 316 -0.90 -4.78 -6.82
CA LEU A 316 -1.77 -5.98 -6.66
C LEU A 316 -1.59 -6.94 -7.83
N ARG A 317 -1.51 -8.23 -7.51
CA ARG A 317 -1.79 -9.32 -8.47
C ARG A 317 -3.06 -10.03 -8.01
N ILE A 318 -4.13 -9.89 -8.79
CA ILE A 318 -5.39 -10.67 -8.63
C ILE A 318 -5.05 -12.13 -8.97
N MET A 319 -5.04 -13.02 -7.96
CA MET A 319 -4.70 -14.46 -8.11
C MET A 319 -5.92 -15.20 -8.68
N ASN A 320 -7.11 -14.89 -8.17
CA ASN A 320 -8.41 -15.52 -8.50
C ASN A 320 -9.41 -14.42 -8.89
N VAL A 321 -9.62 -14.21 -10.19
CA VAL A 321 -10.43 -13.08 -10.71
C VAL A 321 -11.83 -13.11 -10.11
N PRO A 322 -12.62 -14.21 -10.26
CA PRO A 322 -13.99 -14.23 -9.75
C PRO A 322 -14.08 -13.97 -8.24
N ALA A 323 -13.19 -14.56 -7.43
CA ALA A 323 -13.19 -14.42 -5.96
C ALA A 323 -12.98 -12.96 -5.57
N ALA A 324 -12.02 -12.27 -6.20
CA ALA A 324 -11.65 -10.87 -5.90
C ALA A 324 -12.78 -9.93 -6.35
N LEU A 325 -13.28 -10.09 -7.57
CA LEU A 325 -14.32 -9.19 -8.13
C LEU A 325 -15.59 -9.30 -7.27
N GLU A 326 -15.92 -10.50 -6.78
CA GLU A 326 -17.15 -10.74 -5.98
C GLU A 326 -16.98 -10.21 -4.55
N ALA A 327 -15.75 -10.14 -4.03
CA ALA A 327 -15.45 -9.82 -2.62
C ALA A 327 -15.64 -8.33 -2.32
N ARG A 328 -15.29 -7.43 -3.26
CA ARG A 328 -15.34 -5.97 -2.99
C ARG A 328 -16.74 -5.41 -3.29
N GLY A 329 -17.08 -4.29 -2.65
CA GLY A 329 -18.29 -3.50 -2.92
C GLY A 329 -18.09 -2.58 -4.09
N TYR A 330 -19.17 -2.19 -4.77
CA TYR A 330 -19.16 -1.28 -5.95
C TYR A 330 -20.06 -0.08 -5.65
N ALA A 331 -19.91 0.99 -6.43
CA ALA A 331 -20.72 2.23 -6.30
C ALA A 331 -22.19 1.87 -6.44
N HIS A 332 -23.02 2.25 -5.46
CA HIS A 332 -24.51 2.14 -5.51
C HIS A 332 -25.07 3.12 -6.54
N GLU A 333 -24.29 4.15 -6.91
CA GLU A 333 -24.69 5.30 -7.76
C GLU A 333 -24.47 4.97 -9.25
N VAL A 334 -24.80 3.73 -9.67
CA VAL A 334 -24.76 3.26 -11.09
C VAL A 334 -25.76 2.10 -11.23
N GLY A 335 -26.54 2.08 -12.30
CA GLY A 335 -27.59 1.06 -12.50
C GLY A 335 -26.99 -0.33 -12.64
N GLU A 336 -27.80 -1.38 -12.47
CA GLU A 336 -27.39 -2.78 -12.77
C GLU A 336 -26.96 -2.83 -14.24
N PHE A 337 -25.84 -3.50 -14.53
CA PHE A 337 -25.32 -3.72 -15.91
C PHE A 337 -24.54 -5.05 -15.93
N SER A 338 -24.48 -5.67 -17.11
CA SER A 338 -23.80 -6.98 -17.35
C SER A 338 -22.80 -6.81 -18.48
N THR A 339 -21.69 -7.53 -18.42
CA THR A 339 -20.70 -7.61 -19.52
C THR A 339 -19.93 -8.93 -19.44
N VAL A 340 -19.07 -9.17 -20.41
CA VAL A 340 -18.11 -10.30 -20.46
C VAL A 340 -16.70 -9.72 -20.41
N LEU A 341 -15.97 -10.05 -19.35
CA LEU A 341 -14.55 -9.65 -19.13
C LEU A 341 -13.63 -10.80 -19.50
N GLU A 342 -12.70 -10.56 -20.43
CA GLU A 342 -11.54 -11.47 -20.68
C GLU A 342 -10.28 -10.87 -20.03
N VAL A 343 -9.63 -11.64 -19.16
CA VAL A 343 -8.24 -11.40 -18.67
C VAL A 343 -7.29 -12.27 -19.49
N SER A 344 -6.32 -11.66 -20.19
CA SER A 344 -5.28 -12.35 -20.98
C SER A 344 -4.71 -13.52 -20.18
N ASP A 345 -4.88 -14.76 -20.67
CA ASP A 345 -4.42 -16.01 -20.02
C ASP A 345 -4.78 -15.96 -18.52
N GLY A 346 -6.03 -15.63 -18.21
CA GLY A 346 -6.53 -15.52 -16.82
C GLY A 346 -7.99 -15.89 -16.67
N GLY A 347 -8.68 -16.19 -17.80
CA GLY A 347 -10.09 -16.62 -17.85
C GLY A 347 -11.00 -15.60 -18.51
N ARG A 348 -12.17 -16.04 -18.96
CA ARG A 348 -13.27 -15.16 -19.46
C ARG A 348 -14.47 -15.33 -18.54
N PHE A 349 -15.14 -14.23 -18.19
CA PHE A 349 -16.16 -14.18 -17.11
C PHE A 349 -17.33 -13.28 -17.50
N ALA A 350 -18.54 -13.76 -17.24
CA ALA A 350 -19.79 -12.96 -17.22
C ALA A 350 -19.80 -12.15 -15.93
N LEU A 351 -19.74 -10.83 -16.05
CA LEU A 351 -19.68 -9.88 -14.91
C LEU A 351 -21.01 -9.14 -14.85
N LYS A 352 -21.75 -9.29 -13.76
CA LYS A 352 -23.01 -8.56 -13.49
C LYS A 352 -22.80 -7.75 -12.21
N ILE A 353 -22.95 -6.41 -12.29
CA ILE A 353 -22.82 -5.49 -11.13
C ILE A 353 -24.16 -4.80 -10.92
N GLY A 354 -24.69 -4.86 -9.69
CA GLY A 354 -25.85 -4.09 -9.25
C GLY A 354 -25.96 -4.08 -7.74
N ASP A 355 -26.53 -3.02 -7.18
CA ASP A 355 -26.74 -2.86 -5.71
C ASP A 355 -25.41 -2.99 -4.98
N GLY A 356 -24.33 -2.47 -5.60
CA GLY A 356 -22.96 -2.46 -5.05
C GLY A 356 -22.40 -3.85 -4.79
N ARG A 357 -22.98 -4.91 -5.38
CA ARG A 357 -22.43 -6.29 -5.40
C ARG A 357 -22.13 -6.69 -6.85
N ALA A 358 -21.23 -7.65 -7.05
CA ALA A 358 -20.88 -8.25 -8.36
C ALA A 358 -21.05 -9.77 -8.29
N ARG A 359 -21.53 -10.36 -9.38
CA ARG A 359 -21.53 -11.83 -9.62
C ARG A 359 -20.64 -12.06 -10.85
N CYS A 360 -19.68 -12.97 -10.73
CA CYS A 360 -18.59 -13.21 -11.73
C CYS A 360 -18.47 -14.72 -11.97
N THR A 361 -18.92 -15.19 -13.14
CA THR A 361 -19.11 -16.64 -13.45
C THR A 361 -18.44 -16.99 -14.77
N PRO A 362 -17.97 -18.25 -14.96
CA PRO A 362 -17.36 -18.67 -16.22
C PRO A 362 -18.29 -18.48 -17.42
N THR A 363 -17.73 -18.19 -18.59
CA THR A 363 -18.49 -18.10 -19.87
C THR A 363 -17.53 -18.26 -21.05
N ASP A 364 -18.05 -18.63 -22.22
CA ASP A 364 -17.30 -18.70 -23.51
C ASP A 364 -17.95 -17.72 -24.49
N ALA A 365 -18.94 -16.95 -24.04
CA ALA A 365 -19.58 -15.85 -24.81
C ALA A 365 -18.50 -14.86 -25.24
N ALA A 366 -18.68 -14.20 -26.39
CA ALA A 366 -17.75 -13.19 -26.94
C ALA A 366 -17.44 -12.14 -25.85
N ALA A 367 -16.15 -11.80 -25.69
CA ALA A 367 -15.65 -10.79 -24.72
C ALA A 367 -16.03 -9.39 -25.20
N GLU A 368 -16.54 -8.55 -24.30
CA GLU A 368 -16.83 -7.11 -24.57
C GLU A 368 -15.68 -6.24 -24.07
N ILE A 369 -14.92 -6.72 -23.09
CA ILE A 369 -13.77 -5.99 -22.47
C ILE A 369 -12.60 -6.96 -22.28
N GLU A 370 -11.43 -6.60 -22.82
CA GLU A 370 -10.14 -7.35 -22.71
C GLU A 370 -9.14 -6.52 -21.90
N MET A 371 -8.37 -7.17 -21.02
CA MET A 371 -7.20 -6.55 -20.34
C MET A 371 -6.25 -7.65 -19.83
N ASP A 372 -4.94 -7.35 -19.77
CA ASP A 372 -3.94 -8.17 -19.04
C ASP A 372 -4.27 -8.12 -17.53
N ARG A 373 -3.77 -9.08 -16.76
CA ARG A 373 -4.08 -9.24 -15.31
C ARG A 373 -3.64 -7.98 -14.54
N ASP A 374 -2.45 -7.45 -14.81
CA ASP A 374 -1.88 -6.28 -14.08
C ASP A 374 -2.89 -5.12 -14.08
N VAL A 375 -3.54 -4.90 -15.22
CA VAL A 375 -4.52 -3.80 -15.43
C VAL A 375 -5.65 -3.96 -14.42
N LEU A 376 -6.10 -5.20 -14.20
CA LEU A 376 -7.19 -5.48 -13.24
C LEU A 376 -6.75 -5.08 -11.82
N GLY A 377 -5.52 -5.45 -11.44
CA GLY A 377 -4.89 -5.04 -10.17
C GLY A 377 -4.96 -3.54 -9.95
N SER A 378 -4.71 -2.76 -11.01
CA SER A 378 -4.66 -1.27 -11.01
C SER A 378 -6.06 -0.66 -10.84
N LEU A 379 -7.11 -1.32 -11.33
CA LEU A 379 -8.51 -0.84 -11.23
C LEU A 379 -9.08 -1.21 -9.86
N TYR A 380 -8.54 -2.25 -9.23
CA TYR A 380 -9.26 -3.02 -8.19
C TYR A 380 -9.60 -2.14 -6.97
N LEU A 381 -8.74 -1.19 -6.58
CA LEU A 381 -8.92 -0.36 -5.37
C LEU A 381 -9.45 1.04 -5.72
N GLY A 382 -9.74 1.32 -6.99
CA GLY A 382 -10.32 2.60 -7.44
C GLY A 382 -9.29 3.69 -7.70
N ALA A 383 -7.99 3.39 -7.61
CA ALA A 383 -6.90 4.39 -7.74
C ALA A 383 -6.77 4.89 -9.18
N HIS A 384 -7.11 4.06 -10.18
CA HIS A 384 -7.01 4.39 -11.62
C HIS A 384 -8.38 4.25 -12.28
N ARG A 385 -8.68 5.11 -13.25
CA ARG A 385 -9.95 5.10 -14.01
C ARG A 385 -9.78 4.19 -15.22
N ALA A 386 -10.78 3.36 -15.50
CA ALA A 386 -10.86 2.48 -16.69
C ALA A 386 -10.67 3.28 -17.98
N SER A 387 -11.30 4.46 -18.10
CA SER A 387 -11.25 5.31 -19.32
C SER A 387 -9.81 5.80 -19.57
N THR A 388 -9.00 5.93 -18.52
CA THR A 388 -7.58 6.35 -18.61
C THR A 388 -6.73 5.20 -19.14
N LEU A 389 -6.97 3.98 -18.66
CA LEU A 389 -6.25 2.77 -19.11
C LEU A 389 -6.68 2.41 -20.54
N ALA A 390 -7.96 2.61 -20.88
CA ALA A 390 -8.50 2.47 -22.25
C ALA A 390 -7.75 3.42 -23.21
N ALA A 391 -7.52 4.66 -22.79
CA ALA A 391 -6.85 5.72 -23.57
C ALA A 391 -5.44 5.26 -23.97
N ALA A 392 -4.78 4.46 -23.14
CA ALA A 392 -3.43 3.91 -23.38
C ALA A 392 -3.52 2.52 -24.01
N ASN A 393 -4.75 2.01 -24.21
CA ASN A 393 -5.05 0.72 -24.86
C ASN A 393 -4.53 -0.46 -24.02
N ARG A 394 -4.42 -0.30 -22.70
CA ARG A 394 -4.14 -1.40 -21.74
C ARG A 394 -5.44 -2.18 -21.47
N LEU A 395 -6.54 -1.69 -22.02
CA LEU A 395 -7.92 -2.14 -21.70
C LEU A 395 -8.77 -1.88 -22.95
N ARG A 396 -9.07 -2.92 -23.73
CA ARG A 396 -9.80 -2.80 -25.02
C ARG A 396 -11.28 -3.07 -24.80
N THR A 397 -12.14 -2.18 -25.29
CA THR A 397 -13.59 -2.38 -25.46
C THR A 397 -14.07 -1.49 -26.61
N LYS A 398 -15.20 -1.85 -27.24
CA LYS A 398 -15.77 -1.09 -28.39
C LYS A 398 -17.02 -0.34 -27.92
N ASP A 399 -17.26 -0.28 -26.60
CA ASP A 399 -18.43 0.38 -25.98
C ASP A 399 -17.98 1.47 -25.00
N SER A 400 -18.17 2.75 -25.36
CA SER A 400 -17.90 3.94 -24.53
C SER A 400 -18.73 3.88 -23.25
N GLN A 401 -19.97 3.41 -23.38
CA GLN A 401 -20.97 3.32 -22.29
C GLN A 401 -20.50 2.32 -21.22
N LEU A 402 -19.93 1.20 -21.66
CA LEU A 402 -19.37 0.16 -20.76
C LEU A 402 -18.20 0.76 -19.98
N LEU A 403 -17.36 1.54 -20.66
CA LEU A 403 -16.20 2.26 -20.06
C LEU A 403 -16.68 3.16 -18.90
N ARG A 404 -17.67 4.03 -19.16
CA ARG A 404 -18.21 4.98 -18.14
C ARG A 404 -18.79 4.18 -16.96
N ARG A 405 -19.49 3.10 -17.25
CA ARG A 405 -20.09 2.21 -16.21
C ARG A 405 -19.00 1.59 -15.33
N LEU A 406 -17.94 1.04 -15.95
CA LEU A 406 -16.78 0.46 -15.21
C LEU A 406 -16.14 1.52 -14.32
N ASP A 407 -15.79 2.68 -14.90
CA ASP A 407 -15.24 3.87 -14.18
C ASP A 407 -16.02 4.14 -12.90
N ALA A 408 -17.35 4.25 -13.02
CA ALA A 408 -18.27 4.65 -11.93
C ALA A 408 -18.37 3.51 -10.91
N ALA A 409 -18.56 2.27 -11.37
CA ALA A 409 -18.78 1.08 -10.49
C ALA A 409 -17.52 0.79 -9.66
N PHE A 410 -16.33 0.87 -10.27
CA PHE A 410 -15.03 0.48 -9.64
C PHE A 410 -14.53 1.60 -8.71
N ALA A 411 -14.96 2.85 -8.91
CA ALA A 411 -14.64 3.99 -8.02
C ALA A 411 -14.99 3.65 -6.56
N SER A 412 -14.24 4.23 -5.62
CA SER A 412 -14.39 4.06 -4.14
C SER A 412 -14.80 5.39 -3.49
N ASP A 413 -15.84 5.39 -2.66
CA ASP A 413 -16.36 6.61 -1.98
C ASP A 413 -15.31 7.08 -0.96
N VAL A 414 -14.78 6.17 -0.14
CA VAL A 414 -13.60 6.40 0.74
C VAL A 414 -12.36 6.33 -0.15
N PRO A 415 -11.52 7.40 -0.20
CA PRO A 415 -10.36 7.39 -1.09
C PRO A 415 -9.30 6.37 -0.65
N VAL A 416 -8.66 5.72 -1.62
CA VAL A 416 -7.66 4.63 -1.39
C VAL A 416 -6.36 5.27 -0.87
N GLN A 417 -5.81 4.70 0.20
CA GLN A 417 -4.58 5.15 0.89
C GLN A 417 -3.59 3.97 0.96
N THR A 418 -2.34 4.23 1.35
CA THR A 418 -1.30 3.19 1.52
C THR A 418 -0.98 3.07 3.02
N ALA A 419 -1.00 1.85 3.54
CA ALA A 419 -0.87 1.57 5.00
C ALA A 419 0.60 1.73 5.39
N PHE A 420 1.44 0.75 5.07
CA PHE A 420 2.88 0.77 5.41
C PHE A 420 3.61 -0.09 4.38
N GLU A 421 4.88 0.25 4.15
CA GLU A 421 5.79 -0.48 3.22
C GLU A 421 6.10 -1.83 3.88
N PHE A 422 6.14 -2.89 3.07
CA PHE A 422 6.58 -4.25 3.46
C PHE A 422 7.48 -4.79 2.35
C11 USY B . 10.88 -1.65 4.29
C16 USY B . 10.12 -10.59 5.75
C15 USY B . 10.26 -9.25 5.40
F01 USY B . 11.05 -12.56 6.65
C02 USY B . 11.18 -11.26 6.32
C03 USY B . 12.41 -10.65 6.55
C04 USY B . 12.56 -9.32 6.21
C05 USY B . 11.49 -8.63 5.65
C06 USY B . 11.71 -7.17 5.30
C07 USY B . 10.55 -6.22 5.03
C08 USY B . 10.86 -4.89 5.68
C09 USY B . 9.99 -3.84 5.04
N10 USY B . 10.53 -2.54 5.37
N12 USY B . 11.41 -0.35 4.65
N13 USY B . 10.70 -1.98 3.10
O14 USY B . 12.81 -6.76 5.25
C1 GOL C . -2.70 -17.32 -10.70
O1 GOL C . -3.56 -17.99 -9.78
C2 GOL C . -1.69 -18.26 -11.32
O2 GOL C . -1.26 -17.72 -12.57
C3 GOL C . -0.48 -18.53 -10.43
O3 GOL C . -0.01 -19.87 -10.53
S DMS D . 10.67 11.47 -1.34
O DMS D . 10.61 11.95 0.08
C1 DMS D . 11.74 12.59 -2.20
C2 DMS D . 11.75 10.05 -1.34
S DMS E . -13.19 -6.32 -27.88
O DMS E . -14.23 -5.52 -27.16
C1 DMS E . -12.27 -7.17 -26.62
C2 DMS E . -11.94 -5.18 -28.39
C1 GOL F . 10.44 -20.46 5.40
O1 GOL F . 10.01 -21.73 4.90
C2 GOL F . 10.18 -20.30 6.88
O2 GOL F . 8.82 -20.63 7.16
C3 GOL F . 10.50 -18.92 7.41
O3 GOL F . 9.64 -18.53 8.47
C1 PEG G . -5.64 11.77 5.93
O1 PEG G . -6.70 11.98 5.02
C2 PEG G . -4.69 10.71 5.45
O2 PEG G . -3.37 10.99 5.91
C3 PEG G . -2.41 10.06 5.40
C4 PEG G . -1.03 10.36 5.94
O4 PEG G . -0.36 9.21 6.44
C1 GOL H . 10.41 -5.92 -4.87
O1 GOL H . 10.97 -4.72 -5.40
C2 GOL H . 10.54 -6.00 -3.37
O2 GOL H . 9.50 -6.81 -2.84
C3 GOL H . 11.89 -6.52 -2.91
O3 GOL H . 11.94 -6.65 -1.49
C1 GOL I . 13.10 -5.67 1.99
O1 GOL I . 12.02 -5.54 1.06
C2 GOL I . 13.97 -4.42 2.05
O2 GOL I . 13.40 -3.39 1.24
C3 GOL I . 14.19 -3.90 3.46
O3 GOL I . 14.86 -4.84 4.31
C1 GOL J . -17.32 1.03 -3.11
O1 GOL J . -17.04 1.99 -4.12
C2 GOL J . -18.02 1.65 -1.93
O2 GOL J . -18.88 2.69 -2.38
C3 GOL J . -18.82 0.64 -1.11
O3 GOL J . -19.24 1.18 0.13
C1 GOL K . 14.56 -12.94 -14.69
O1 GOL K . 13.96 -14.15 -14.28
C2 GOL K . 16.06 -13.06 -14.56
O2 GOL K . 16.63 -13.14 -15.87
C3 GOL K . 16.70 -11.94 -13.74
O3 GOL K . 16.79 -12.28 -12.36
CL CL L . -1.46 7.35 2.61
#